data_7KV4
#
_entry.id   7KV4
#
_cell.length_a   63.855
_cell.length_b   116.505
_cell.length_c   139.895
_cell.angle_alpha   90.000
_cell.angle_beta   90.000
_cell.angle_gamma   90.000
#
_symmetry.space_group_name_H-M   'C 2 2 21'
#
loop_
_entity.id
_entity.type
_entity.pdbx_description
1 polymer 'SusD family protein'
2 water water
#
_entity_poly.entity_id   1
_entity_poly.type   'polypeptide(L)'
_entity_poly.pdbx_seq_one_letter_code
;MKKYKIFTIAALLSSALVTTSCGDDFLTANSTEKPMAGAPATEGTILSSLGSAYQILLFDSYANNNYNSILLMSDLRSDD
LYKGGGDAGDQAALYSLSQFNMSAAESLGGLWSIYFTGLARCNNAIIACANAEGVQERKVKQYNAEAHFLRAYYVHLLWK
FFGNIPYFEEPLQDPYMTKQISADEIYNEIMADLEVACEEGVMEMVNNSGDNKGRACRAAALMLKARVVMYQKDQSRYAE
IANDMATIIKSGKFELMDDFDAMWLDENEFCKESIFESNQLPEGKTWSSGWQGYGTNLPAFISPNELNDPSGVFKGGWGF
APVRQSAYDMYEEGDLRRDASINDWRGASYGHRFQDTGLFQRKYAAREGYNPPPGDTDLNYCNNLRIFRYAETLLNYVEL
VKMDGVAEQQGVDAQECFNLIRKRAFGIDKPLAATAENIKSERHKEFLGEGMRFYDLVRWGDAAAVLTENDAAHNSVRTY
DDNKKLIPIPLNEIEKTKGTEFELKQNPGY
;
_entity_poly.pdbx_strand_id   AAA
#
# COMPACT_ATOMS: atom_id res chain seq x y z
N PRO A 40 10.46 -4.42 34.01
CA PRO A 40 9.84 -3.09 33.83
C PRO A 40 10.47 -2.28 32.68
N ALA A 41 9.75 -1.28 32.18
CA ALA A 41 10.12 -0.49 30.99
C ALA A 41 10.09 1.01 31.32
N THR A 42 11.09 1.74 30.81
CA THR A 42 11.27 3.22 30.79
C THR A 42 10.62 3.82 29.52
N GLU A 43 10.62 5.16 29.38
CA GLU A 43 10.15 5.87 28.16
C GLU A 43 11.12 5.55 27.00
N GLY A 44 12.43 5.50 27.26
CA GLY A 44 13.50 5.31 26.25
C GLY A 44 13.46 3.92 25.60
N THR A 45 13.19 2.88 26.39
CA THR A 45 13.01 1.48 25.93
C THR A 45 11.78 1.41 25.02
N ILE A 46 10.68 2.06 25.41
CA ILE A 46 9.42 2.05 24.65
C ILE A 46 9.65 2.77 23.31
N LEU A 47 10.19 3.98 23.32
CA LEU A 47 10.53 4.74 22.08
C LEU A 47 11.49 3.93 21.19
N SER A 48 12.34 3.10 21.80
CA SER A 48 13.36 2.31 21.07
C SER A 48 12.71 1.10 20.38
N SER A 49 11.92 0.32 21.12
CA SER A 49 11.16 -0.86 20.62
C SER A 49 10.23 -0.42 19.49
N LEU A 50 9.64 0.76 19.66
CA LEU A 50 8.70 1.41 18.72
C LEU A 50 9.46 1.88 17.49
N GLY A 51 10.60 2.54 17.69
CA GLY A 51 11.51 2.95 16.60
C GLY A 51 11.82 1.78 15.70
N SER A 52 12.13 0.63 16.28
CA SER A 52 12.44 -0.65 15.59
C SER A 52 11.21 -1.17 14.83
N ALA A 53 10.01 -1.02 15.41
CA ALA A 53 8.73 -1.42 14.75
C ALA A 53 8.52 -0.58 13.50
N TYR A 54 8.59 0.75 13.60
CA TYR A 54 8.36 1.71 12.50
C TYR A 54 9.29 1.43 11.31
N GLN A 55 10.52 0.99 11.60
CA GLN A 55 11.58 0.91 10.57
C GLN A 55 11.08 0.02 9.42
N ILE A 56 10.35 -1.07 9.74
CA ILE A 56 9.86 -2.09 8.76
C ILE A 56 9.13 -1.38 7.61
N LEU A 57 8.56 -0.18 7.79
CA LEU A 57 7.85 0.58 6.73
C LEU A 57 8.79 0.93 5.57
N LEU A 58 10.10 0.95 5.80
CA LEU A 58 11.05 1.55 4.84
C LEU A 58 11.62 0.47 3.93
N PHE A 59 11.34 -0.81 4.23
CA PHE A 59 12.09 -1.99 3.71
C PHE A 59 11.37 -2.78 2.60
N ASP A 60 10.12 -2.47 2.23
CA ASP A 60 9.38 -3.39 1.30
C ASP A 60 10.15 -3.52 -0.02
N SER A 61 10.77 -2.42 -0.45
CA SER A 61 11.40 -2.29 -1.79
C SER A 61 12.73 -3.06 -1.88
N TYR A 62 13.24 -3.55 -0.75
CA TYR A 62 14.34 -4.57 -0.69
C TYR A 62 14.18 -5.42 0.57
N ALA A 63 13.20 -6.32 0.55
CA ALA A 63 12.63 -7.01 1.71
C ALA A 63 13.37 -8.33 1.99
N ASN A 64 14.26 -8.35 2.99
CA ASN A 64 15.25 -9.45 3.16
C ASN A 64 15.95 -9.69 1.83
N ASN A 65 16.26 -8.62 1.11
CA ASN A 65 17.02 -8.52 -0.15
C ASN A 65 16.16 -9.04 -1.33
N ASN A 66 14.87 -8.73 -1.34
CA ASN A 66 13.93 -9.09 -2.44
C ASN A 66 13.26 -7.81 -2.93
N TYR A 67 13.11 -7.63 -4.25
CA TYR A 67 12.44 -6.46 -4.86
C TYR A 67 10.91 -6.64 -4.78
N ASN A 68 10.31 -6.25 -3.64
CA ASN A 68 8.90 -6.58 -3.31
C ASN A 68 8.18 -5.30 -2.92
N SER A 69 8.37 -4.18 -3.64
CA SER A 69 7.72 -2.85 -3.39
C SER A 69 6.22 -3.09 -3.21
N ILE A 70 5.66 -2.58 -2.10
CA ILE A 70 4.41 -3.14 -1.53
C ILE A 70 3.22 -2.82 -2.43
N LEU A 71 3.11 -1.62 -2.96
CA LEU A 71 1.95 -1.22 -3.79
C LEU A 71 2.13 -1.84 -5.17
N LEU A 72 3.38 -2.03 -5.59
CA LEU A 72 3.70 -2.66 -6.89
C LEU A 72 3.34 -4.14 -6.87
N MET A 73 3.43 -4.82 -5.72
CA MET A 73 3.09 -6.26 -5.67
C MET A 73 1.57 -6.39 -5.86
N SER A 74 0.81 -5.35 -5.57
CA SER A 74 -0.64 -5.28 -5.88
C SER A 74 -0.87 -4.92 -7.36
N ASP A 75 -0.28 -3.83 -7.86
CA ASP A 75 -0.56 -3.29 -9.21
C ASP A 75 -0.09 -4.24 -10.31
N LEU A 76 0.91 -5.10 -10.01
CA LEU A 76 1.38 -6.14 -10.96
C LEU A 76 0.29 -7.18 -11.21
N ARG A 77 -0.72 -7.25 -10.36
CA ARG A 77 -1.90 -8.10 -10.60
C ARG A 77 -3.13 -7.29 -11.03
N SER A 78 -2.97 -6.02 -11.34
CA SER A 78 -4.07 -5.18 -11.86
C SER A 78 -4.11 -5.24 -13.39
N ASP A 79 -5.05 -4.50 -13.97
CA ASP A 79 -5.16 -4.25 -15.43
C ASP A 79 -4.45 -2.95 -15.82
N ASP A 80 -3.50 -2.44 -15.04
CA ASP A 80 -2.84 -1.12 -15.27
C ASP A 80 -1.40 -1.32 -15.76
N LEU A 81 -0.81 -2.46 -15.44
CA LEU A 81 0.65 -2.73 -15.58
C LEU A 81 0.92 -4.07 -16.28
N TYR A 82 2.13 -4.19 -16.82
CA TYR A 82 2.78 -5.49 -17.09
C TYR A 82 4.01 -5.57 -16.17
N LYS A 83 4.68 -6.71 -16.17
CA LYS A 83 5.84 -6.99 -15.30
C LYS A 83 7.08 -6.24 -15.81
N GLY A 84 7.41 -6.36 -17.10
CA GLY A 84 8.60 -5.70 -17.65
C GLY A 84 9.89 -6.37 -17.17
N GLY A 85 10.95 -5.59 -16.99
CA GLY A 85 12.30 -6.14 -16.71
C GLY A 85 13.02 -6.56 -18.00
N GLY A 86 14.14 -7.28 -17.86
CA GLY A 86 14.93 -7.72 -19.04
C GLY A 86 14.14 -8.63 -19.96
N ASP A 87 13.45 -9.61 -19.38
CA ASP A 87 12.58 -10.58 -20.08
C ASP A 87 11.68 -11.27 -19.03
N ALA A 88 10.91 -12.27 -19.42
CA ALA A 88 9.96 -12.95 -18.50
C ALA A 88 10.66 -13.39 -17.21
N GLY A 89 11.86 -13.99 -17.30
CA GLY A 89 12.54 -14.65 -16.17
C GLY A 89 13.40 -13.71 -15.34
N ASP A 90 13.48 -12.44 -15.69
CA ASP A 90 14.17 -11.39 -14.91
C ASP A 90 13.26 -11.03 -13.73
N GLN A 91 13.56 -11.51 -12.53
CA GLN A 91 12.63 -11.52 -11.35
C GLN A 91 11.41 -12.37 -11.71
N ALA A 92 11.62 -13.63 -12.08
CA ALA A 92 10.59 -14.60 -12.54
C ALA A 92 9.36 -14.64 -11.61
N ALA A 93 9.53 -14.59 -10.29
CA ALA A 93 8.42 -14.74 -9.32
C ALA A 93 7.41 -13.59 -9.55
N LEU A 94 7.91 -12.39 -9.90
CA LEU A 94 7.10 -11.19 -10.26
C LEU A 94 6.29 -11.49 -11.51
N TYR A 95 6.84 -12.25 -12.46
CA TYR A 95 6.08 -12.65 -13.67
C TYR A 95 4.96 -13.58 -13.25
N SER A 96 5.25 -14.63 -12.49
CA SER A 96 4.25 -15.61 -12.01
C SER A 96 3.18 -14.87 -11.20
N LEU A 97 3.59 -13.88 -10.39
CA LEU A 97 2.63 -13.04 -9.59
C LEU A 97 1.65 -12.39 -10.57
N SER A 98 2.19 -11.72 -11.59
CA SER A 98 1.40 -10.97 -12.62
C SER A 98 0.49 -11.91 -13.41
N GLN A 99 0.84 -13.21 -13.54
CA GLN A 99 0.13 -14.21 -14.37
C GLN A 99 -0.76 -15.14 -13.56
N PHE A 100 -0.90 -14.91 -12.25
CA PHE A 100 -1.71 -15.77 -11.34
C PHE A 100 -1.23 -17.22 -11.43
N ASN A 101 0.09 -17.41 -11.41
CA ASN A 101 0.72 -18.70 -11.77
C ASN A 101 1.85 -19.02 -10.82
N MET A 102 1.84 -18.48 -9.60
CA MET A 102 2.98 -18.65 -8.66
C MET A 102 3.01 -20.08 -8.10
N SER A 103 4.19 -20.52 -7.68
CA SER A 103 4.39 -21.83 -7.03
C SER A 103 5.01 -21.54 -5.67
N ALA A 104 4.69 -22.39 -4.69
CA ALA A 104 5.20 -22.30 -3.31
C ALA A 104 6.69 -21.95 -3.36
N ALA A 105 7.39 -22.51 -4.35
CA ALA A 105 8.86 -22.47 -4.47
C ALA A 105 9.35 -21.04 -4.63
N GLU A 106 8.59 -20.19 -5.32
CA GLU A 106 8.99 -18.79 -5.57
C GLU A 106 7.81 -17.88 -5.22
N SER A 107 7.42 -17.86 -3.94
CA SER A 107 6.45 -16.90 -3.34
C SER A 107 7.14 -15.57 -2.98
N LEU A 108 6.50 -14.69 -2.20
CA LEU A 108 7.16 -13.43 -1.77
C LEU A 108 7.67 -13.63 -0.33
N GLY A 109 8.62 -14.55 -0.18
CA GLY A 109 9.32 -14.84 1.09
C GLY A 109 9.85 -13.58 1.77
N GLY A 110 10.25 -12.58 0.99
CA GLY A 110 10.81 -11.32 1.52
C GLY A 110 9.77 -10.52 2.28
N LEU A 111 8.50 -10.56 1.85
CA LEU A 111 7.41 -9.84 2.58
C LEU A 111 7.01 -10.67 3.81
N TRP A 112 7.01 -12.00 3.71
CA TRP A 112 6.79 -12.87 4.90
C TRP A 112 7.82 -12.50 5.97
N SER A 113 9.10 -12.44 5.58
CA SER A 113 10.23 -12.17 6.49
C SER A 113 10.10 -10.78 7.14
N ILE A 114 9.97 -9.69 6.38
CA ILE A 114 9.90 -8.31 6.96
C ILE A 114 8.61 -8.08 7.77
N TYR A 115 7.48 -8.72 7.48
CA TYR A 115 6.22 -8.36 8.21
C TYR A 115 6.05 -9.25 9.44
N PHE A 116 6.63 -10.46 9.44
CA PHE A 116 6.62 -11.32 10.64
C PHE A 116 7.67 -10.79 11.64
N THR A 117 8.69 -10.08 11.14
CA THR A 117 9.68 -9.30 11.95
C THR A 117 8.96 -8.08 12.50
N GLY A 118 8.27 -7.34 11.63
CA GLY A 118 7.40 -6.21 11.98
C GLY A 118 6.41 -6.59 13.06
N LEU A 119 5.81 -7.78 12.98
CA LEU A 119 4.88 -8.34 14.00
C LEU A 119 5.63 -8.52 15.33
N ALA A 120 6.75 -9.25 15.33
CA ALA A 120 7.53 -9.56 16.56
C ALA A 120 7.96 -8.25 17.22
N ARG A 121 8.37 -7.26 16.43
CA ARG A 121 8.83 -5.97 16.98
C ARG A 121 7.65 -5.25 17.61
N CYS A 122 6.47 -5.34 16.98
CA CYS A 122 5.26 -4.66 17.54
C CYS A 122 4.92 -5.29 18.90
N ASN A 123 5.02 -6.63 18.97
CA ASN A 123 4.71 -7.44 20.16
C ASN A 123 5.60 -6.95 21.33
N ASN A 124 6.90 -6.73 21.07
CA ASN A 124 7.88 -6.23 22.09
C ASN A 124 7.53 -4.79 22.46
N ALA A 125 7.05 -3.97 21.52
CA ALA A 125 6.71 -2.56 21.82
C ALA A 125 5.46 -2.50 22.71
N ILE A 126 4.55 -3.48 22.58
CA ILE A 126 3.25 -3.56 23.32
C ILE A 126 3.53 -4.14 24.73
N ILE A 127 4.28 -5.24 24.81
CA ILE A 127 4.78 -5.86 26.09
C ILE A 127 5.46 -4.73 26.88
N ALA A 128 6.38 -3.99 26.25
CA ALA A 128 7.03 -2.81 26.87
C ALA A 128 5.97 -1.88 27.46
N CYS A 129 5.03 -1.39 26.65
CA CYS A 129 3.97 -0.44 27.11
C CYS A 129 3.19 -0.99 28.32
N ALA A 130 2.96 -2.31 28.40
CA ALA A 130 2.16 -2.97 29.45
C ALA A 130 2.94 -3.14 30.77
N ASN A 131 4.28 -3.09 30.72
CA ASN A 131 5.19 -3.19 31.90
C ASN A 131 5.85 -1.84 32.13
N ALA A 132 5.41 -0.79 31.43
CA ALA A 132 5.85 0.60 31.66
C ALA A 132 5.59 0.91 33.13
N GLU A 133 6.51 1.69 33.71
CA GLU A 133 6.47 2.16 35.13
C GLU A 133 7.18 3.52 35.16
N GLY A 134 6.60 4.46 35.91
CA GLY A 134 7.16 5.83 36.04
C GLY A 134 6.91 6.66 34.80
N VAL A 135 6.28 6.10 33.75
CA VAL A 135 5.93 6.85 32.50
C VAL A 135 4.50 7.37 32.66
N GLN A 136 4.29 8.64 32.29
CA GLN A 136 2.96 9.28 32.39
C GLN A 136 1.96 8.51 31.50
N GLU A 137 0.77 8.25 32.04
CA GLU A 137 -0.26 7.36 31.45
C GLU A 137 -0.66 7.88 30.06
N ARG A 138 -0.80 9.20 29.90
CA ARG A 138 -1.09 9.87 28.60
C ARG A 138 -0.14 9.33 27.51
N LYS A 139 1.16 9.54 27.68
CA LYS A 139 2.20 9.13 26.70
C LYS A 139 2.16 7.62 26.48
N VAL A 140 1.99 6.83 27.54
CA VAL A 140 1.97 5.34 27.42
C VAL A 140 0.79 4.95 26.54
N LYS A 141 -0.35 5.64 26.70
CA LYS A 141 -1.59 5.37 25.92
C LYS A 141 -1.28 5.59 24.43
N GLN A 142 -0.60 6.69 24.10
CA GLN A 142 -0.23 7.03 22.71
C GLN A 142 0.69 5.95 22.12
N TYR A 143 1.77 5.59 22.80
CA TYR A 143 2.78 4.62 22.30
C TYR A 143 2.11 3.26 22.10
N ASN A 144 1.22 2.85 22.99
CA ASN A 144 0.51 1.55 22.87
C ASN A 144 -0.35 1.55 21.58
N ALA A 145 -0.95 2.70 21.28
CA ALA A 145 -1.85 2.91 20.12
C ALA A 145 -1.01 2.90 18.83
N GLU A 146 0.12 3.62 18.80
CA GLU A 146 1.05 3.60 17.65
C GLU A 146 1.50 2.16 17.37
N ALA A 147 1.82 1.39 18.42
CA ALA A 147 2.32 0.00 18.25
C ALA A 147 1.17 -0.88 17.75
N HIS A 148 -0.03 -0.63 18.26
CA HIS A 148 -1.25 -1.37 17.84
C HIS A 148 -1.56 -1.04 16.37
N PHE A 149 -1.44 0.21 15.97
CA PHE A 149 -1.63 0.58 14.55
C PHE A 149 -0.60 -0.21 13.72
N LEU A 150 0.67 -0.19 14.13
CA LEU A 150 1.76 -0.81 13.33
C LEU A 150 1.50 -2.31 13.27
N ARG A 151 1.05 -2.94 14.35
CA ARG A 151 0.81 -4.39 14.34
C ARG A 151 -0.35 -4.69 13.36
N ALA A 152 -1.46 -3.97 13.46
CA ALA A 152 -2.60 -4.06 12.53
C ALA A 152 -2.13 -3.90 11.08
N TYR A 153 -1.31 -2.88 10.80
CA TYR A 153 -0.76 -2.58 9.46
C TYR A 153 0.05 -3.76 8.94
N TYR A 154 0.99 -4.30 9.72
CA TYR A 154 1.87 -5.37 9.21
C TYR A 154 1.07 -6.64 9.05
N VAL A 155 0.20 -6.96 10.01
CA VAL A 155 -0.59 -8.20 9.96
C VAL A 155 -1.58 -8.10 8.79
N HIS A 156 -2.14 -6.92 8.50
CA HIS A 156 -3.09 -6.79 7.36
C HIS A 156 -2.36 -7.05 6.04
N LEU A 157 -1.09 -6.71 5.90
CA LEU A 157 -0.33 -7.07 4.67
C LEU A 157 -0.11 -8.58 4.63
N LEU A 158 0.27 -9.20 5.73
CA LEU A 158 0.42 -10.68 5.71
C LEU A 158 -0.93 -11.29 5.34
N TRP A 159 -2.01 -10.72 5.87
CA TRP A 159 -3.41 -11.17 5.65
C TRP A 159 -3.82 -11.03 4.17
N LYS A 160 -3.54 -9.87 3.58
CA LYS A 160 -3.81 -9.61 2.13
C LYS A 160 -3.01 -10.57 1.24
N PHE A 161 -1.74 -10.84 1.56
CA PHE A 161 -0.85 -11.66 0.72
C PHE A 161 -1.09 -13.14 0.98
N PHE A 162 -1.01 -13.57 2.25
CA PHE A 162 -0.89 -15.01 2.59
C PHE A 162 -2.18 -15.59 3.18
N GLY A 163 -3.02 -14.76 3.84
CA GLY A 163 -4.32 -15.16 4.37
C GLY A 163 -4.16 -15.96 5.65
N ASN A 164 -3.81 -17.24 5.49
CA ASN A 164 -3.81 -18.26 6.56
C ASN A 164 -2.40 -18.40 7.11
N ILE A 165 -2.17 -17.78 8.28
CA ILE A 165 -0.82 -17.52 8.79
C ILE A 165 -0.72 -17.96 10.24
N PRO A 166 0.51 -18.29 10.68
CA PRO A 166 0.81 -18.50 12.09
C PRO A 166 0.83 -17.09 12.70
N TYR A 167 -0.07 -16.81 13.63
CA TYR A 167 -0.17 -15.50 14.32
C TYR A 167 0.24 -15.71 15.78
N PHE A 168 0.92 -14.72 16.34
CA PHE A 168 1.42 -14.71 17.73
C PHE A 168 1.50 -13.26 18.22
N GLU A 169 1.22 -13.06 19.50
CA GLU A 169 1.23 -11.75 20.20
C GLU A 169 2.37 -11.70 21.26
N GLU A 170 2.95 -12.84 21.64
CA GLU A 170 4.01 -12.88 22.69
C GLU A 170 5.32 -13.41 22.09
N PRO A 171 6.49 -12.88 22.49
CA PRO A 171 7.75 -13.25 21.85
C PRO A 171 7.98 -14.78 21.87
N TYR A 176 7.28 -19.70 15.10
CA TYR A 176 8.18 -20.86 15.32
C TYR A 176 7.34 -22.12 15.60
N MET A 177 6.73 -22.20 16.79
CA MET A 177 5.85 -23.34 17.20
C MET A 177 4.43 -22.81 17.47
N THR A 178 3.82 -22.20 16.44
CA THR A 178 2.55 -21.42 16.52
C THR A 178 1.53 -22.01 15.53
N LYS A 179 0.27 -22.09 15.96
CA LYS A 179 -0.86 -22.60 15.13
C LYS A 179 -1.09 -21.61 13.98
N GLN A 180 -1.25 -22.16 12.77
CA GLN A 180 -1.72 -21.41 11.58
C GLN A 180 -3.20 -21.10 11.82
N ILE A 181 -3.62 -19.83 11.73
CA ILE A 181 -5.06 -19.50 11.86
C ILE A 181 -5.61 -18.91 10.55
N SER A 182 -6.91 -19.06 10.34
CA SER A 182 -7.57 -18.76 9.05
C SER A 182 -7.57 -17.24 8.83
N ALA A 183 -7.66 -16.81 7.57
CA ALA A 183 -7.74 -15.37 7.19
C ALA A 183 -8.89 -14.72 7.97
N ASP A 184 -10.04 -15.37 8.07
CA ASP A 184 -11.18 -14.83 8.83
C ASP A 184 -10.84 -14.64 10.31
N GLU A 185 -10.13 -15.58 10.95
CA GLU A 185 -9.65 -15.36 12.34
C GLU A 185 -8.69 -14.16 12.40
N ILE A 186 -7.76 -14.05 11.45
CA ILE A 186 -6.74 -12.97 11.46
C ILE A 186 -7.46 -11.62 11.42
N TYR A 187 -8.51 -11.52 10.61
CA TYR A 187 -9.28 -10.27 10.47
C TYR A 187 -9.68 -9.80 11.87
N ASN A 188 -10.18 -10.72 12.67
CA ASN A 188 -10.69 -10.40 14.04
C ASN A 188 -9.53 -9.87 14.88
N GLU A 189 -8.34 -10.45 14.71
CA GLU A 189 -7.13 -10.03 15.47
C GLU A 189 -6.80 -8.60 15.07
N ILE A 190 -6.84 -8.32 13.78
CA ILE A 190 -6.53 -6.95 13.30
C ILE A 190 -7.55 -5.96 13.88
N MET A 191 -8.84 -6.29 13.85
CA MET A 191 -9.86 -5.32 14.30
C MET A 191 -9.71 -5.11 15.82
N ALA A 192 -9.28 -6.11 16.59
CA ALA A 192 -9.01 -5.90 18.03
C ALA A 192 -7.90 -4.87 18.20
N ASP A 193 -6.81 -4.97 17.45
CA ASP A 193 -5.71 -3.98 17.52
C ASP A 193 -6.22 -2.60 17.07
N LEU A 194 -7.07 -2.51 16.04
CA LEU A 194 -7.54 -1.17 15.57
C LEU A 194 -8.48 -0.50 16.59
N GLU A 195 -9.22 -1.28 17.39
CA GLU A 195 -10.06 -0.68 18.47
C GLU A 195 -9.12 0.14 19.37
N VAL A 196 -7.96 -0.43 19.72
CA VAL A 196 -6.95 0.28 20.55
C VAL A 196 -6.44 1.48 19.75
N ALA A 197 -6.07 1.32 18.49
CA ALA A 197 -5.37 2.39 17.74
C ALA A 197 -6.32 3.58 17.44
N CYS A 198 -7.59 3.31 17.19
CA CYS A 198 -8.56 4.34 16.72
C CYS A 198 -9.16 5.12 17.90
N GLU A 199 -8.88 4.69 19.12
CA GLU A 199 -9.58 5.24 20.31
C GLU A 199 -9.46 6.77 20.29
N GLU A 200 -10.59 7.48 20.40
CA GLU A 200 -10.68 8.95 20.33
C GLU A 200 -9.85 9.60 21.45
N GLY A 201 -9.15 10.68 21.10
CA GLY A 201 -8.39 11.53 22.02
C GLY A 201 -7.12 10.87 22.52
N VAL A 202 -6.60 9.84 21.83
CA VAL A 202 -5.35 9.11 22.22
C VAL A 202 -4.25 9.54 21.26
N MET A 203 -4.26 9.10 19.99
CA MET A 203 -3.35 9.73 18.99
C MET A 203 -4.04 10.96 18.43
N GLU A 204 -3.24 11.96 18.07
CA GLU A 204 -3.68 13.15 17.32
C GLU A 204 -4.29 12.69 16.00
N MET A 205 -5.25 13.44 15.46
CA MET A 205 -5.96 13.05 14.21
C MET A 205 -4.97 13.05 13.06
N VAL A 206 -4.02 13.99 13.08
CA VAL A 206 -2.97 14.16 12.04
C VAL A 206 -1.61 14.34 12.73
N ASN A 207 -0.55 13.83 12.10
CA ASN A 207 0.86 14.03 12.52
C ASN A 207 1.68 14.38 11.27
N ASN A 208 1.45 15.55 10.68
CA ASN A 208 2.20 16.00 9.49
C ASN A 208 3.24 17.09 9.79
N SER A 209 3.50 17.46 11.06
CA SER A 209 4.42 18.58 11.42
C SER A 209 4.97 18.47 12.85
N GLY A 210 6.02 19.26 13.16
CA GLY A 210 6.70 19.24 14.48
C GLY A 210 7.44 17.94 14.73
N ASP A 211 7.69 17.64 16.01
CA ASP A 211 8.49 16.46 16.46
C ASP A 211 7.77 15.15 16.10
N ASN A 212 6.45 15.17 15.91
CA ASN A 212 5.65 13.93 15.77
C ASN A 212 5.32 13.70 14.29
N LYS A 213 5.94 14.46 13.38
CA LYS A 213 5.77 14.28 11.91
C LYS A 213 6.04 12.81 11.56
N GLY A 214 5.23 12.25 10.66
CA GLY A 214 5.32 10.84 10.24
C GLY A 214 4.99 9.84 11.35
N ARG A 215 4.72 10.24 12.59
CA ARG A 215 4.22 9.25 13.60
C ARG A 215 2.76 8.87 13.25
N ALA A 216 2.36 7.67 13.64
CA ALA A 216 0.98 7.15 13.41
C ALA A 216 -0.02 8.16 14.01
N CYS A 217 -1.12 8.44 13.31
CA CYS A 217 -2.18 9.41 13.70
C CYS A 217 -3.54 8.70 13.62
N ARG A 218 -4.56 9.26 14.26
CA ARG A 218 -5.88 8.59 14.38
C ARG A 218 -6.50 8.49 12.99
N ALA A 219 -6.27 9.47 12.11
CA ALA A 219 -6.84 9.40 10.73
C ALA A 219 -6.26 8.15 10.04
N ALA A 220 -4.99 7.82 10.27
CA ALA A 220 -4.35 6.63 9.67
C ALA A 220 -5.00 5.35 10.19
N ALA A 221 -5.20 5.23 11.50
CA ALA A 221 -5.81 4.04 12.12
C ALA A 221 -7.22 3.83 11.54
N LEU A 222 -7.99 4.92 11.43
CA LEU A 222 -9.37 4.85 10.92
C LEU A 222 -9.33 4.46 9.42
N MET A 223 -8.33 4.93 8.66
CA MET A 223 -8.25 4.59 7.21
C MET A 223 -7.88 3.12 7.12
N LEU A 224 -6.99 2.64 7.99
CA LEU A 224 -6.60 1.19 7.98
C LEU A 224 -7.85 0.37 8.31
N LYS A 225 -8.63 0.81 9.31
CA LYS A 225 -9.89 0.14 9.68
C LYS A 225 -10.85 0.07 8.47
N ALA A 226 -11.02 1.17 7.75
CA ALA A 226 -11.93 1.20 6.57
C ALA A 226 -11.40 0.19 5.54
N ARG A 227 -10.10 0.22 5.23
CA ARG A 227 -9.47 -0.66 4.21
C ARG A 227 -9.77 -2.11 4.60
N VAL A 228 -9.60 -2.44 5.87
CA VAL A 228 -9.68 -3.85 6.33
C VAL A 228 -11.14 -4.27 6.33
N VAL A 229 -12.02 -3.45 6.87
CA VAL A 229 -13.47 -3.81 6.90
C VAL A 229 -13.98 -3.97 5.46
N MET A 230 -13.57 -3.08 4.56
CA MET A 230 -14.08 -3.11 3.16
C MET A 230 -13.52 -4.35 2.46
N TYR A 231 -12.28 -4.73 2.73
CA TYR A 231 -11.68 -5.92 2.07
C TYR A 231 -12.32 -7.22 2.60
N GLN A 232 -12.62 -7.28 3.89
CA GLN A 232 -13.33 -8.41 4.53
C GLN A 232 -14.79 -8.40 4.11
N LYS A 233 -15.31 -7.28 3.63
CA LYS A 233 -16.76 -7.16 3.28
C LYS A 233 -17.59 -7.37 4.55
N ASP A 234 -17.12 -6.81 5.66
CA ASP A 234 -17.82 -7.00 6.96
C ASP A 234 -18.93 -5.96 7.06
N GLN A 235 -20.08 -6.30 6.52
CA GLN A 235 -21.20 -5.35 6.37
C GLN A 235 -21.62 -4.82 7.73
N SER A 236 -21.49 -5.62 8.79
CA SER A 236 -21.85 -5.24 10.18
C SER A 236 -21.14 -3.94 10.56
N ARG A 237 -19.99 -3.61 9.94
CA ARG A 237 -19.20 -2.43 10.31
C ARG A 237 -19.22 -1.33 9.22
N TYR A 238 -20.00 -1.47 8.14
CA TYR A 238 -20.05 -0.42 7.08
C TYR A 238 -20.51 0.90 7.64
N ALA A 239 -21.58 0.91 8.46
CA ALA A 239 -22.09 2.20 8.98
C ALA A 239 -21.01 2.85 9.86
N GLU A 240 -20.34 2.06 10.68
CA GLU A 240 -19.27 2.51 11.60
C GLU A 240 -18.12 3.12 10.79
N ILE A 241 -17.65 2.48 9.70
CA ILE A 241 -16.50 3.04 8.96
C ILE A 241 -16.95 4.25 8.14
N ALA A 242 -18.21 4.31 7.72
CA ALA A 242 -18.74 5.49 7.00
C ALA A 242 -18.73 6.66 7.98
N ASN A 243 -19.11 6.40 9.22
CA ASN A 243 -19.13 7.47 10.27
C ASN A 243 -17.69 7.94 10.54
N ASP A 244 -16.72 7.01 10.54
CA ASP A 244 -15.27 7.30 10.70
C ASP A 244 -14.81 8.19 9.55
N MET A 245 -15.12 7.83 8.29
CA MET A 245 -14.79 8.73 7.17
C MET A 245 -15.42 10.11 7.42
N ALA A 246 -16.70 10.20 7.75
CA ALA A 246 -17.37 11.51 8.01
C ALA A 246 -16.60 12.31 9.09
N THR A 247 -16.14 11.65 10.16
CA THR A 247 -15.38 12.23 11.30
C THR A 247 -14.09 12.85 10.75
N ILE A 248 -13.38 12.13 9.88
CA ILE A 248 -12.20 12.68 9.18
C ILE A 248 -12.60 13.88 8.32
N ILE A 249 -13.69 13.79 7.54
CA ILE A 249 -14.07 14.87 6.58
C ILE A 249 -14.48 16.11 7.41
N LYS A 250 -15.28 15.90 8.45
CA LYS A 250 -15.83 16.98 9.30
C LYS A 250 -14.71 17.63 10.14
N SER A 251 -13.64 16.92 10.50
CA SER A 251 -12.52 17.47 11.32
C SER A 251 -11.92 18.71 10.63
N GLY A 252 -12.02 18.80 9.30
CA GLY A 252 -11.35 19.81 8.48
C GLY A 252 -9.83 19.83 8.65
N LYS A 253 -9.24 18.74 9.12
CA LYS A 253 -7.77 18.69 9.33
C LYS A 253 -7.09 18.26 8.02
N PHE A 254 -7.86 17.89 6.99
CA PHE A 254 -7.32 17.44 5.68
C PHE A 254 -8.06 18.15 4.54
N GLU A 255 -7.33 18.39 3.46
CA GLU A 255 -7.82 18.97 2.19
C GLU A 255 -7.15 18.23 1.03
N LEU A 256 -7.79 18.22 -0.13
CA LEU A 256 -7.19 17.78 -1.41
C LEU A 256 -6.20 18.84 -1.89
N MET A 257 -4.97 18.42 -2.18
CA MET A 257 -3.99 19.21 -2.96
C MET A 257 -4.65 19.70 -4.25
N ASP A 258 -4.57 21.00 -4.57
CA ASP A 258 -5.11 21.55 -5.84
C ASP A 258 -4.38 20.89 -7.00
N ASP A 259 -3.08 20.63 -6.84
CA ASP A 259 -2.16 20.23 -7.94
C ASP A 259 -1.79 18.74 -7.77
N PHE A 260 -2.56 17.88 -8.42
CA PHE A 260 -2.41 16.40 -8.33
C PHE A 260 -0.97 16.05 -8.69
N ASP A 261 -0.41 16.70 -9.71
CA ASP A 261 0.96 16.40 -10.21
C ASP A 261 1.95 16.70 -9.08
N ALA A 262 1.86 17.89 -8.50
CA ALA A 262 2.88 18.45 -7.58
C ALA A 262 2.98 17.62 -6.30
N MET A 263 1.89 16.92 -5.92
CA MET A 263 1.81 16.33 -4.55
C MET A 263 2.82 15.19 -4.43
N TRP A 264 3.34 14.68 -5.54
CA TRP A 264 4.34 13.58 -5.52
C TRP A 264 5.79 14.08 -5.42
N LEU A 265 6.01 15.40 -5.53
CA LEU A 265 7.35 16.03 -5.40
C LEU A 265 7.70 16.11 -3.91
N ASP A 266 8.98 15.92 -3.57
CA ASP A 266 9.53 15.79 -2.18
C ASP A 266 9.17 17.02 -1.33
N GLU A 267 9.03 18.19 -1.94
CA GLU A 267 8.48 19.42 -1.27
C GLU A 267 7.18 19.09 -0.56
N ASN A 268 6.44 18.09 -1.07
CA ASN A 268 5.07 17.76 -0.59
C ASN A 268 5.06 16.43 0.16
N GLU A 269 6.22 15.84 0.51
CA GLU A 269 6.35 14.84 1.62
C GLU A 269 5.45 15.54 2.71
N PHE A 270 4.38 14.90 3.19
CA PHE A 270 3.51 15.31 4.34
C PHE A 270 2.67 16.54 4.05
N CYS A 271 2.07 16.61 2.87
CA CYS A 271 1.19 17.72 2.45
C CYS A 271 -0.16 17.57 3.16
N LYS A 272 -1.08 18.50 2.90
CA LYS A 272 -2.35 18.63 3.65
C LYS A 272 -3.32 17.51 3.29
N GLU A 273 -2.96 16.67 2.32
CA GLU A 273 -3.83 15.55 1.86
C GLU A 273 -3.30 14.25 2.45
N SER A 274 -2.06 14.23 2.92
CA SER A 274 -1.38 13.00 3.36
C SER A 274 -1.84 12.67 4.79
N ILE A 275 -2.32 11.45 4.97
CA ILE A 275 -2.76 10.93 6.27
C ILE A 275 -1.64 10.07 6.84
N PHE A 276 -0.98 9.25 6.01
CA PHE A 276 0.16 8.45 6.47
C PHE A 276 1.07 8.13 5.28
N GLU A 277 2.35 8.36 5.46
CA GLU A 277 3.36 8.01 4.43
C GLU A 277 4.61 7.52 5.15
N SER A 278 5.35 6.61 4.49
CA SER A 278 6.69 6.12 4.92
C SER A 278 7.69 7.30 4.85
N ASN A 279 8.54 7.46 5.87
CA ASN A 279 9.53 8.56 5.89
C ASN A 279 10.81 8.05 5.20
N GLN A 280 10.83 8.11 3.87
CA GLN A 280 11.99 7.63 3.07
C GLN A 280 12.99 8.80 2.97
N LEU A 281 14.24 8.43 3.25
CA LEU A 281 15.48 9.27 3.19
C LEU A 281 16.51 8.56 2.32
N PRO A 282 17.26 9.33 1.49
CA PRO A 282 18.02 8.75 0.37
C PRO A 282 19.40 8.24 0.79
N GLU A 283 19.45 7.19 1.62
CA GLU A 283 20.71 6.63 2.15
C GLU A 283 20.45 5.40 3.01
N GLY A 284 21.48 4.58 3.13
CA GLY A 284 21.64 3.63 4.22
C GLY A 284 21.45 2.21 3.75
N LYS A 285 20.63 1.98 2.72
CA LYS A 285 20.40 0.61 2.19
C LYS A 285 21.65 0.25 1.37
N THR A 286 22.05 -1.02 1.39
CA THR A 286 23.21 -1.54 0.62
C THR A 286 22.78 -2.76 -0.19
N TRP A 287 23.40 -3.01 -1.37
CA TRP A 287 23.20 -4.29 -2.12
C TRP A 287 23.24 -5.44 -1.13
N SER A 288 24.06 -5.35 -0.09
CA SER A 288 24.33 -6.46 0.86
C SER A 288 23.16 -6.71 1.84
N SER A 289 22.51 -5.65 2.35
CA SER A 289 21.50 -5.70 3.44
C SER A 289 20.36 -4.70 3.17
N GLY A 290 19.12 -5.21 3.21
CA GLY A 290 17.90 -4.38 3.17
C GLY A 290 17.25 -4.30 4.56
N TRP A 291 18.10 -4.41 5.59
CA TRP A 291 17.69 -4.41 7.02
C TRP A 291 18.25 -3.19 7.75
N GLN A 292 18.67 -2.15 7.05
CA GLN A 292 19.07 -0.88 7.69
C GLN A 292 18.92 0.20 6.63
N GLY A 293 19.03 1.47 7.03
CA GLY A 293 18.87 2.61 6.11
C GLY A 293 17.40 2.96 5.93
N TYR A 294 17.13 3.91 5.03
CA TYR A 294 15.89 4.71 4.92
C TYR A 294 15.44 4.87 3.47
N GLY A 295 16.12 4.24 2.50
CA GLY A 295 15.91 4.53 1.08
C GLY A 295 14.89 3.60 0.47
N THR A 296 14.40 3.94 -0.73
CA THR A 296 13.52 3.08 -1.55
C THR A 296 14.15 2.87 -2.93
N ASN A 297 14.14 1.61 -3.35
CA ASN A 297 14.49 1.11 -4.71
C ASN A 297 13.33 1.31 -5.68
N LEU A 298 12.10 1.60 -5.21
CA LEU A 298 10.90 1.61 -6.09
C LEU A 298 11.14 2.50 -7.32
N PRO A 299 11.59 3.77 -7.22
CA PRO A 299 11.71 4.61 -8.40
C PRO A 299 12.75 4.07 -9.41
N ALA A 300 13.79 3.37 -8.93
CA ALA A 300 14.76 2.67 -9.80
C ALA A 300 14.04 1.52 -10.52
N PHE A 301 13.38 0.67 -9.74
CA PHE A 301 12.72 -0.55 -10.25
C PHE A 301 11.85 -0.17 -11.45
N ILE A 302 11.08 0.92 -11.39
CA ILE A 302 9.93 1.09 -12.33
C ILE A 302 10.19 2.11 -13.44
N SER A 303 11.39 2.70 -13.51
CA SER A 303 11.67 3.78 -14.51
C SER A 303 12.45 3.20 -15.69
N PRO A 304 12.33 3.81 -16.89
CA PRO A 304 12.87 3.24 -18.12
C PRO A 304 14.39 3.01 -18.07
N ASN A 305 14.84 1.94 -18.73
CA ASN A 305 16.27 1.56 -18.74
C ASN A 305 17.04 2.57 -19.59
N GLU A 306 18.13 3.13 -19.05
CA GLU A 306 18.98 4.12 -19.77
C GLU A 306 18.09 5.22 -20.38
N LEU A 307 17.10 5.70 -19.63
CA LEU A 307 16.28 6.87 -20.06
C LEU A 307 17.20 8.06 -20.28
N ASN A 308 16.86 8.88 -21.27
CA ASN A 308 17.50 10.15 -21.64
C ASN A 308 16.38 11.17 -21.79
N ASP A 309 16.10 11.90 -20.71
CA ASP A 309 15.08 12.98 -20.66
C ASP A 309 15.81 14.27 -21.00
N PRO A 310 15.46 14.95 -22.13
CA PRO A 310 16.13 16.19 -22.50
C PRO A 310 15.87 17.28 -21.46
N SER A 311 14.69 17.21 -20.81
CA SER A 311 14.20 18.14 -19.75
C SER A 311 15.09 18.03 -18.51
N GLY A 312 15.79 16.90 -18.35
CA GLY A 312 16.68 16.57 -17.21
C GLY A 312 15.95 16.40 -15.87
N VAL A 313 14.61 16.31 -15.85
CA VAL A 313 13.82 16.02 -14.59
C VAL A 313 13.99 14.54 -14.21
N PHE A 314 13.72 13.62 -15.16
CA PHE A 314 13.62 12.17 -14.88
C PHE A 314 14.91 11.43 -15.24
N LYS A 315 15.05 10.24 -14.67
CA LYS A 315 16.31 9.46 -14.55
C LYS A 315 16.00 7.99 -14.83
N GLY A 316 17.01 7.21 -15.21
CA GLY A 316 16.82 5.83 -15.69
C GLY A 316 16.73 4.81 -14.59
N GLY A 317 16.03 3.69 -14.85
CA GLY A 317 15.91 2.55 -13.93
C GLY A 317 16.01 1.22 -14.65
N TRP A 318 15.32 0.20 -14.13
CA TRP A 318 15.47 -1.21 -14.54
C TRP A 318 14.35 -1.66 -15.50
N GLY A 319 13.46 -0.75 -15.88
CA GLY A 319 12.38 -0.97 -16.88
C GLY A 319 11.37 -2.02 -16.46
N PHE A 320 11.05 -2.10 -15.17
CA PHE A 320 9.92 -2.95 -14.68
C PHE A 320 8.65 -2.12 -14.70
N ALA A 321 7.52 -2.83 -14.68
CA ALA A 321 6.16 -2.31 -14.43
C ALA A 321 5.81 -1.19 -15.41
N PRO A 322 5.89 -1.46 -16.72
CA PRO A 322 5.35 -0.56 -17.72
C PRO A 322 3.82 -0.47 -17.62
N VAL A 323 3.29 0.71 -17.91
CA VAL A 323 1.84 1.07 -17.86
C VAL A 323 1.17 0.67 -19.18
N ARG A 324 0.00 0.07 -19.07
CA ARG A 324 -0.74 -0.42 -20.25
C ARG A 324 -1.35 0.79 -20.95
N GLN A 325 -1.42 0.71 -22.28
CA GLN A 325 -2.10 1.72 -23.08
C GLN A 325 -3.55 1.87 -22.57
N SER A 326 -4.22 0.80 -22.11
CA SER A 326 -5.63 0.86 -21.68
C SER A 326 -5.74 1.84 -20.49
N ALA A 327 -4.71 1.91 -19.66
CA ALA A 327 -4.72 2.74 -18.43
C ALA A 327 -4.59 4.22 -18.80
N TYR A 328 -3.80 4.51 -19.83
CA TYR A 328 -3.67 5.85 -20.45
C TYR A 328 -5.03 6.28 -21.05
N ASP A 329 -5.60 5.41 -21.88
CA ASP A 329 -6.81 5.67 -22.71
C ASP A 329 -8.06 5.84 -21.82
N MET A 330 -8.10 5.27 -20.60
CA MET A 330 -9.36 5.32 -19.81
C MET A 330 -9.63 6.76 -19.40
N TYR A 331 -8.61 7.61 -19.33
CA TYR A 331 -8.75 9.01 -18.86
C TYR A 331 -9.46 9.89 -19.91
N GLU A 332 -10.51 10.60 -19.51
CA GLU A 332 -11.26 11.62 -20.30
C GLU A 332 -10.33 12.81 -20.62
N GLU A 333 -10.56 13.53 -21.71
CA GLU A 333 -9.77 14.75 -22.06
C GLU A 333 -9.97 15.78 -20.94
N GLY A 334 -8.89 16.37 -20.46
CA GLY A 334 -8.94 17.39 -19.39
C GLY A 334 -8.60 16.80 -18.04
N ASP A 335 -8.67 15.47 -17.91
CA ASP A 335 -8.37 14.81 -16.63
C ASP A 335 -6.88 14.92 -16.39
N LEU A 336 -6.48 15.83 -15.49
CA LEU A 336 -5.07 16.15 -15.18
C LEU A 336 -4.38 14.94 -14.52
N ARG A 337 -5.14 13.98 -14.01
CA ARG A 337 -4.55 12.81 -13.31
C ARG A 337 -3.73 11.96 -14.31
N ARG A 338 -4.09 11.94 -15.59
CA ARG A 338 -3.43 11.05 -16.58
C ARG A 338 -1.93 11.37 -16.68
N ASP A 339 -1.62 12.62 -17.03
CA ASP A 339 -0.23 13.10 -17.24
C ASP A 339 0.50 13.25 -15.91
N ALA A 340 -0.22 13.19 -14.79
CA ALA A 340 0.35 13.17 -13.42
C ALA A 340 0.67 11.74 -12.99
N SER A 341 0.04 10.74 -13.61
CA SER A 341 0.13 9.31 -13.20
C SER A 341 1.04 8.55 -14.13
N ILE A 342 1.20 9.03 -15.37
CA ILE A 342 1.80 8.25 -16.47
C ILE A 342 2.86 9.13 -17.15
N ASN A 343 4.11 8.68 -17.19
CA ASN A 343 5.13 9.31 -18.09
C ASN A 343 5.02 8.67 -19.48
N ASP A 344 4.66 9.48 -20.49
CA ASP A 344 4.66 9.11 -21.93
C ASP A 344 6.08 9.31 -22.50
N TRP A 345 6.85 8.24 -22.63
CA TRP A 345 8.20 8.26 -23.25
C TRP A 345 8.13 7.66 -24.66
N ARG A 346 6.98 7.73 -25.32
CA ARG A 346 6.80 7.07 -26.64
C ARG A 346 7.66 7.78 -27.70
N GLY A 347 8.06 9.03 -27.48
CA GLY A 347 8.89 9.80 -28.44
C GLY A 347 10.38 9.79 -28.10
N ALA A 348 10.81 9.17 -26.99
CA ALA A 348 12.10 9.45 -26.34
C ALA A 348 13.07 8.27 -26.42
N SER A 349 14.27 8.52 -25.92
CA SER A 349 15.47 7.68 -26.00
C SER A 349 15.61 6.86 -24.70
N TYR A 350 15.37 5.55 -24.78
CA TYR A 350 15.60 4.61 -23.65
C TYR A 350 15.72 3.19 -24.21
N GLY A 351 16.34 2.29 -23.45
CA GLY A 351 16.46 0.85 -23.75
C GLY A 351 15.13 0.18 -23.53
N HIS A 352 14.45 -0.25 -24.60
CA HIS A 352 13.11 -0.90 -24.55
C HIS A 352 13.28 -2.28 -23.95
N ARG A 353 12.55 -2.58 -22.87
CA ARG A 353 12.66 -3.93 -22.25
C ARG A 353 11.34 -4.68 -22.42
N PHE A 354 11.18 -5.78 -21.70
CA PHE A 354 10.05 -6.71 -21.83
C PHE A 354 8.72 -6.00 -21.64
N GLN A 355 7.71 -6.38 -22.46
CA GLN A 355 6.34 -5.80 -22.45
C GLN A 355 6.39 -4.27 -22.49
N ASP A 356 7.42 -3.71 -23.13
CA ASP A 356 7.49 -2.25 -23.35
C ASP A 356 6.19 -1.74 -23.98
N THR A 357 5.76 -0.56 -23.56
CA THR A 357 4.54 0.14 -24.04
C THR A 357 4.86 1.60 -24.34
N GLY A 358 6.02 2.09 -23.92
CA GLY A 358 6.33 3.53 -24.01
C GLY A 358 5.87 4.29 -22.79
N LEU A 359 5.03 3.68 -21.95
CA LEU A 359 4.35 4.34 -20.80
C LEU A 359 4.88 3.78 -19.48
N PHE A 360 5.19 4.67 -18.54
CA PHE A 360 5.78 4.32 -17.22
C PHE A 360 5.07 5.12 -16.12
N GLN A 361 5.16 4.59 -14.92
CA GLN A 361 4.54 5.16 -13.69
C GLN A 361 5.29 6.45 -13.32
N ARG A 362 4.58 7.55 -13.17
CA ARG A 362 5.15 8.89 -12.85
C ARG A 362 5.25 9.18 -11.34
N LYS A 363 4.20 8.95 -10.57
CA LYS A 363 4.15 9.35 -9.13
C LYS A 363 5.46 9.02 -8.43
N TYR A 364 5.99 7.82 -8.60
CA TYR A 364 7.23 7.34 -7.95
C TYR A 364 8.34 7.20 -9.01
N ALA A 365 8.23 7.87 -10.14
CA ALA A 365 9.26 7.78 -11.21
C ALA A 365 10.64 8.17 -10.64
N ALA A 366 11.74 7.71 -11.24
CA ALA A 366 13.11 8.05 -10.80
C ALA A 366 13.37 9.51 -11.19
N ARG A 367 13.72 10.39 -10.23
CA ARG A 367 13.89 11.84 -10.51
C ARG A 367 15.35 12.24 -10.22
N GLU A 368 15.90 13.15 -11.03
CA GLU A 368 17.25 13.76 -10.81
C GLU A 368 17.19 14.54 -9.50
N GLY A 369 18.07 14.25 -8.54
CA GLY A 369 18.06 14.88 -7.20
C GLY A 369 17.58 13.91 -6.13
N TYR A 370 16.56 13.11 -6.44
CA TYR A 370 15.85 12.28 -5.43
C TYR A 370 16.80 11.14 -5.06
N ASN A 371 17.97 11.17 -5.68
CA ASN A 371 19.01 10.13 -5.57
C ASN A 371 20.34 10.76 -5.12
N PRO A 372 20.57 11.02 -3.81
CA PRO A 372 21.81 11.67 -3.42
C PRO A 372 23.00 10.70 -3.43
N PRO A 373 24.14 11.01 -4.11
CA PRO A 373 25.24 10.03 -4.11
C PRO A 373 25.88 9.62 -2.75
N ASP A 376 25.32 3.07 -2.94
CA ASP A 376 24.32 2.07 -3.43
C ASP A 376 23.00 2.81 -3.76
N THR A 377 23.11 3.81 -4.64
CA THR A 377 22.18 4.94 -4.88
C THR A 377 20.82 4.46 -5.41
N ASP A 378 20.78 3.30 -6.07
CA ASP A 378 19.55 2.77 -6.74
C ASP A 378 18.62 2.13 -5.70
N LEU A 379 19.12 1.82 -4.49
CA LEU A 379 18.29 1.35 -3.34
C LEU A 379 17.83 2.54 -2.46
N ASN A 380 18.18 3.79 -2.81
CA ASN A 380 18.11 4.97 -1.90
C ASN A 380 17.54 6.18 -2.64
N TYR A 381 16.32 6.07 -3.15
CA TYR A 381 15.52 7.26 -3.51
C TYR A 381 14.86 7.74 -2.22
N CYS A 382 14.42 8.98 -2.25
CA CYS A 382 13.91 9.72 -1.06
C CYS A 382 12.38 9.82 -1.07
N ASN A 383 11.74 9.16 -2.04
CA ASN A 383 10.27 9.29 -2.31
C ASN A 383 9.51 8.57 -1.20
N ASN A 384 8.80 9.34 -0.37
CA ASN A 384 7.92 8.76 0.68
C ASN A 384 6.82 7.97 -0.02
N LEU A 385 6.49 6.81 0.51
CA LEU A 385 5.29 6.06 0.04
C LEU A 385 4.03 6.68 0.67
N ARG A 386 3.17 7.30 -0.12
CA ARG A 386 1.88 7.85 0.37
C ARG A 386 0.99 6.63 0.65
N ILE A 387 0.84 6.22 1.92
CA ILE A 387 0.13 4.96 2.27
C ILE A 387 -1.38 5.26 2.33
N PHE A 388 -1.77 6.35 2.99
CA PHE A 388 -3.17 6.84 2.98
C PHE A 388 -3.19 8.33 2.64
N ARG A 389 -4.11 8.74 1.77
CA ARG A 389 -4.41 10.16 1.55
C ARG A 389 -5.93 10.39 1.57
N TYR A 390 -6.29 11.66 1.66
CA TYR A 390 -7.67 12.11 1.96
C TYR A 390 -8.59 11.78 0.78
N ALA A 391 -8.06 11.67 -0.44
CA ALA A 391 -8.87 11.32 -1.61
C ALA A 391 -9.57 9.99 -1.29
N GLU A 392 -8.89 9.11 -0.57
CA GLU A 392 -9.39 7.76 -0.26
C GLU A 392 -10.51 7.91 0.78
N THR A 393 -10.35 8.87 1.70
CA THR A 393 -11.36 9.14 2.74
C THR A 393 -12.67 9.47 2.03
N LEU A 394 -12.64 10.34 1.02
CA LEU A 394 -13.83 10.82 0.29
C LEU A 394 -14.43 9.65 -0.48
N LEU A 395 -13.60 8.93 -1.22
CA LEU A 395 -14.14 7.90 -2.12
C LEU A 395 -14.64 6.73 -1.29
N ASN A 396 -14.02 6.48 -0.14
CA ASN A 396 -14.54 5.39 0.74
C ASN A 396 -15.95 5.78 1.17
N TYR A 397 -16.11 7.04 1.57
CA TYR A 397 -17.43 7.51 2.05
C TYR A 397 -18.48 7.39 0.95
N VAL A 398 -18.20 7.86 -0.26
CA VAL A 398 -19.10 7.79 -1.43
C VAL A 398 -19.50 6.32 -1.68
N GLU A 399 -18.51 5.43 -1.68
CA GLU A 399 -18.78 4.01 -1.99
C GLU A 399 -19.71 3.43 -0.90
N LEU A 400 -19.42 3.69 0.36
CA LEU A 400 -20.18 3.05 1.46
C LEU A 400 -21.62 3.56 1.39
N VAL A 401 -21.83 4.85 1.06
CA VAL A 401 -23.22 5.37 0.94
C VAL A 401 -23.89 4.85 -0.35
N LYS A 402 -23.27 5.03 -1.53
CA LYS A 402 -23.96 4.79 -2.83
C LYS A 402 -23.91 3.32 -3.23
N MET A 403 -22.80 2.61 -2.97
CA MET A 403 -22.70 1.18 -3.34
C MET A 403 -23.20 0.27 -2.22
N ASP A 404 -22.94 0.60 -0.95
CA ASP A 404 -23.22 -0.36 0.15
C ASP A 404 -24.50 0.05 0.89
N GLY A 405 -25.12 1.19 0.55
CA GLY A 405 -26.44 1.53 1.08
C GLY A 405 -26.40 2.05 2.50
N VAL A 406 -25.26 2.57 2.94
CA VAL A 406 -25.13 3.19 4.30
C VAL A 406 -25.82 4.56 4.29
N ALA A 407 -26.56 4.88 5.35
CA ALA A 407 -27.11 6.23 5.50
C ALA A 407 -25.96 7.24 5.60
N GLU A 408 -26.19 8.45 5.12
CA GLU A 408 -25.23 9.56 5.30
C GLU A 408 -25.03 9.76 6.79
N GLN A 409 -23.80 10.07 7.14
CA GLN A 409 -23.30 10.18 8.52
C GLN A 409 -22.90 11.65 8.74
N GLN A 410 -23.40 12.26 9.82
CA GLN A 410 -22.94 13.61 10.28
C GLN A 410 -23.28 14.67 9.22
N GLY A 411 -24.32 14.43 8.42
CA GLY A 411 -24.78 15.37 7.39
C GLY A 411 -23.80 15.52 6.23
N VAL A 412 -22.86 14.58 6.05
CA VAL A 412 -21.88 14.65 4.93
C VAL A 412 -22.58 14.14 3.66
N ASP A 413 -22.52 14.94 2.61
CA ASP A 413 -23.22 14.67 1.32
C ASP A 413 -22.25 13.83 0.46
N ALA A 414 -22.61 12.58 0.18
CA ALA A 414 -21.76 11.65 -0.60
C ALA A 414 -21.55 12.21 -2.01
N GLN A 415 -22.59 12.76 -2.65
CA GLN A 415 -22.47 13.25 -4.06
C GLN A 415 -21.51 14.45 -4.07
N GLU A 416 -21.54 15.30 -3.04
CA GLU A 416 -20.65 16.49 -2.93
C GLU A 416 -19.21 16.01 -2.81
N CYS A 417 -18.98 14.93 -2.06
CA CYS A 417 -17.61 14.41 -1.82
C CYS A 417 -17.09 13.92 -3.17
N PHE A 418 -17.92 13.20 -3.90
CA PHE A 418 -17.57 12.66 -5.22
C PHE A 418 -17.24 13.79 -6.21
N ASN A 419 -18.08 14.82 -6.22
CA ASN A 419 -17.86 16.06 -7.02
C ASN A 419 -16.53 16.72 -6.66
N LEU A 420 -16.12 16.70 -5.38
CA LEU A 420 -14.82 17.29 -4.95
C LEU A 420 -13.67 16.59 -5.66
N ILE A 421 -13.73 15.27 -5.72
CA ILE A 421 -12.69 14.43 -6.39
C ILE A 421 -12.57 14.84 -7.85
N ARG A 422 -13.72 14.95 -8.55
CA ARG A 422 -13.77 15.25 -10.01
C ARG A 422 -13.24 16.68 -10.22
N LYS A 423 -13.58 17.59 -9.31
CA LYS A 423 -13.15 19.01 -9.40
C LYS A 423 -11.63 19.12 -9.34
N ARG A 424 -10.99 18.47 -8.35
CA ARG A 424 -9.50 18.45 -8.24
C ARG A 424 -8.91 17.80 -9.49
N ALA A 425 -9.52 16.73 -10.00
CA ALA A 425 -9.08 15.95 -11.19
C ALA A 425 -8.95 16.87 -12.40
N PHE A 426 -9.99 17.67 -12.67
CA PHE A 426 -10.10 18.50 -13.89
C PHE A 426 -9.65 19.95 -13.61
N GLY A 427 -9.36 20.33 -12.37
CA GLY A 427 -9.12 21.74 -11.98
C GLY A 427 -10.38 22.59 -12.14
N ILE A 428 -11.53 21.98 -12.35
CA ILE A 428 -12.82 22.72 -12.54
C ILE A 428 -13.98 21.74 -12.29
N ASP A 429 -15.14 22.23 -11.87
CA ASP A 429 -16.27 21.35 -11.47
C ASP A 429 -16.59 20.44 -12.66
N LYS A 430 -16.72 19.12 -12.43
CA LYS A 430 -17.15 18.18 -13.48
C LYS A 430 -18.03 17.13 -12.81
N PRO A 431 -19.24 17.50 -12.36
CA PRO A 431 -20.11 16.57 -11.64
C PRO A 431 -20.43 15.30 -12.41
N LEU A 432 -20.48 14.18 -11.70
CA LEU A 432 -20.74 12.87 -12.33
C LEU A 432 -21.56 12.07 -11.35
N ALA A 433 -22.65 11.47 -11.78
CA ALA A 433 -23.56 10.72 -10.90
C ALA A 433 -22.72 9.67 -10.14
N ALA A 434 -22.84 9.62 -8.83
CA ALA A 434 -22.09 8.66 -7.95
C ALA A 434 -22.68 7.25 -8.03
N THR A 435 -22.64 6.64 -9.21
CA THR A 435 -23.08 5.24 -9.46
C THR A 435 -21.91 4.30 -9.19
N ALA A 436 -22.22 3.02 -8.99
CA ALA A 436 -21.16 2.00 -8.79
C ALA A 436 -20.17 2.12 -9.96
N GLU A 437 -20.65 2.18 -11.19
CA GLU A 437 -19.74 2.17 -12.37
C GLU A 437 -18.83 3.39 -12.25
N ASN A 438 -19.38 4.56 -11.90
CA ASN A 438 -18.56 5.81 -11.94
C ASN A 438 -17.64 5.83 -10.73
N ILE A 439 -18.07 5.28 -9.58
CA ILE A 439 -17.19 5.25 -8.37
C ILE A 439 -16.01 4.33 -8.65
N LYS A 440 -16.26 3.20 -9.25
CA LYS A 440 -15.19 2.21 -9.53
C LYS A 440 -14.20 2.86 -10.50
N SER A 441 -14.71 3.52 -11.53
CA SER A 441 -13.89 4.22 -12.54
C SER A 441 -13.05 5.32 -11.84
N GLU A 442 -13.66 6.17 -11.03
CA GLU A 442 -12.94 7.26 -10.37
C GLU A 442 -11.83 6.73 -9.46
N ARG A 443 -12.08 5.68 -8.66
CA ARG A 443 -11.02 5.05 -7.85
C ARG A 443 -9.86 4.54 -8.73
N HIS A 444 -10.19 3.91 -9.84
CA HIS A 444 -9.21 3.46 -10.84
C HIS A 444 -8.30 4.65 -11.24
N LYS A 445 -8.91 5.76 -11.63
CA LYS A 445 -8.22 6.95 -12.17
C LYS A 445 -7.47 7.68 -11.06
N GLU A 446 -7.95 7.62 -9.82
CA GLU A 446 -7.37 8.37 -8.67
C GLU A 446 -6.07 7.70 -8.20
N PHE A 447 -5.95 6.37 -8.28
CA PHE A 447 -4.87 5.68 -7.54
C PHE A 447 -4.00 4.83 -8.46
N LEU A 448 -3.84 5.22 -9.72
CA LEU A 448 -2.92 4.49 -10.64
C LEU A 448 -1.49 4.52 -10.08
N GLY A 449 -0.90 3.35 -9.87
CA GLY A 449 0.45 3.17 -9.32
C GLY A 449 0.46 3.21 -7.80
N GLU A 450 -0.69 3.09 -7.13
CA GLU A 450 -0.79 3.12 -5.66
C GLU A 450 -1.40 1.82 -5.11
N GLY A 451 -1.49 0.76 -5.91
CA GLY A 451 -1.73 -0.60 -5.39
C GLY A 451 -3.12 -0.80 -4.81
N MET A 452 -4.10 -0.05 -5.32
CA MET A 452 -5.52 -0.16 -4.90
C MET A 452 -6.34 -1.04 -5.83
N ARG A 453 -6.17 -0.91 -7.14
CA ARG A 453 -7.03 -1.49 -8.19
C ARG A 453 -7.23 -2.99 -7.96
N PHE A 454 -6.18 -3.74 -7.73
CA PHE A 454 -6.26 -5.21 -7.58
C PHE A 454 -7.19 -5.57 -6.42
N TYR A 455 -6.96 -5.01 -5.22
CA TYR A 455 -7.76 -5.35 -4.02
C TYR A 455 -9.21 -4.90 -4.22
N ASP A 456 -9.42 -3.71 -4.80
CA ASP A 456 -10.78 -3.21 -5.09
C ASP A 456 -11.50 -4.21 -6.00
N LEU A 457 -10.89 -4.64 -7.11
CA LEU A 457 -11.55 -5.61 -8.00
C LEU A 457 -11.85 -6.90 -7.20
N VAL A 458 -10.94 -7.38 -6.35
CA VAL A 458 -11.19 -8.62 -5.58
C VAL A 458 -12.43 -8.42 -4.70
N ARG A 459 -12.47 -7.33 -3.93
CA ARG A 459 -13.57 -7.19 -2.94
C ARG A 459 -14.89 -6.88 -3.64
N TRP A 460 -14.86 -6.23 -4.81
CA TRP A 460 -16.08 -5.94 -5.61
C TRP A 460 -16.62 -7.20 -6.30
N GLY A 461 -15.80 -8.23 -6.42
CA GLY A 461 -16.15 -9.46 -7.14
C GLY A 461 -15.99 -9.22 -8.63
N ASP A 462 -15.13 -8.28 -9.05
CA ASP A 462 -14.90 -7.90 -10.46
C ASP A 462 -13.56 -8.44 -10.99
N ALA A 463 -12.75 -9.05 -10.13
CA ALA A 463 -11.40 -9.57 -10.44
C ALA A 463 -11.50 -10.66 -11.53
N ALA A 464 -12.44 -11.60 -11.45
CA ALA A 464 -12.57 -12.70 -12.45
C ALA A 464 -12.72 -12.11 -13.85
N ALA A 465 -13.67 -11.20 -14.06
CA ALA A 465 -14.02 -10.57 -15.35
C ALA A 465 -12.92 -9.62 -15.81
N VAL A 466 -12.33 -8.84 -14.91
CA VAL A 466 -11.52 -7.70 -15.33
C VAL A 466 -10.10 -8.20 -15.55
N LEU A 467 -9.65 -9.18 -14.79
CA LEU A 467 -8.21 -9.56 -14.82
C LEU A 467 -7.95 -10.83 -15.65
N THR A 468 -8.98 -11.56 -16.06
CA THR A 468 -8.85 -12.79 -16.90
C THR A 468 -8.65 -12.29 -18.31
N GLU A 469 -7.52 -12.61 -18.95
CA GLU A 469 -7.20 -12.03 -20.27
C GLU A 469 -6.27 -12.94 -21.08
N ASN A 470 -6.34 -12.82 -22.39
CA ASN A 470 -5.29 -13.25 -23.34
C ASN A 470 -4.80 -11.99 -24.05
N ASP A 471 -3.77 -11.36 -23.50
CA ASP A 471 -3.08 -10.18 -24.05
C ASP A 471 -1.76 -10.69 -24.66
N ALA A 472 -1.87 -11.48 -25.73
CA ALA A 472 -0.73 -12.17 -26.39
C ALA A 472 0.36 -11.16 -26.79
N ALA A 473 -0.03 -10.00 -27.31
CA ALA A 473 0.92 -9.00 -27.84
C ALA A 473 1.82 -8.50 -26.71
N HIS A 474 1.38 -8.56 -25.45
CA HIS A 474 2.24 -8.18 -24.29
C HIS A 474 2.45 -9.34 -23.33
N ASN A 475 2.36 -10.59 -23.82
CA ASN A 475 2.78 -11.76 -23.03
C ASN A 475 2.08 -11.71 -21.66
N SER A 476 0.78 -11.42 -21.65
CA SER A 476 -0.01 -11.45 -20.40
C SER A 476 -1.23 -12.31 -20.68
N VAL A 477 -1.19 -13.53 -20.18
CA VAL A 477 -2.24 -14.55 -20.39
C VAL A 477 -2.53 -15.19 -19.05
N ARG A 478 -3.72 -15.03 -18.49
CA ARG A 478 -3.96 -15.38 -17.08
C ARG A 478 -5.44 -15.47 -16.84
N THR A 479 -5.85 -16.33 -15.93
CA THR A 479 -7.25 -16.50 -15.49
C THR A 479 -7.27 -16.24 -13.98
N TYR A 480 -7.95 -15.20 -13.55
CA TYR A 480 -8.20 -15.00 -12.11
C TYR A 480 -9.34 -15.94 -11.68
N ASP A 481 -9.14 -16.60 -10.54
CA ASP A 481 -10.18 -17.35 -9.78
C ASP A 481 -9.96 -17.04 -8.28
N ASP A 482 -10.90 -17.42 -7.41
CA ASP A 482 -10.88 -17.04 -5.97
C ASP A 482 -9.57 -17.45 -5.30
N ASN A 483 -8.92 -18.56 -5.68
CA ASN A 483 -7.64 -19.00 -5.07
C ASN A 483 -6.54 -17.95 -5.30
N LYS A 484 -6.65 -17.12 -6.36
CA LYS A 484 -5.60 -16.16 -6.77
C LYS A 484 -5.73 -14.84 -5.99
N LYS A 485 -6.72 -14.76 -5.08
CA LYS A 485 -6.82 -13.70 -4.05
C LYS A 485 -5.57 -13.78 -3.16
N LEU A 486 -5.00 -15.00 -3.00
CA LEU A 486 -3.76 -15.22 -2.18
C LEU A 486 -2.54 -15.58 -3.07
N ILE A 487 -1.37 -15.48 -2.48
CA ILE A 487 -0.13 -16.04 -3.10
C ILE A 487 0.23 -17.24 -2.22
N PRO A 488 1.17 -18.12 -2.63
CA PRO A 488 1.50 -19.28 -1.81
C PRO A 488 2.24 -18.90 -0.51
N ILE A 489 1.95 -19.65 0.55
CA ILE A 489 2.86 -19.73 1.72
C ILE A 489 4.19 -20.26 1.20
N PRO A 490 5.31 -19.59 1.49
CA PRO A 490 6.62 -20.06 1.01
C PRO A 490 6.96 -21.52 1.38
N LEU A 491 7.43 -22.32 0.40
CA LEU A 491 7.89 -23.74 0.57
C LEU A 491 8.86 -23.82 1.76
N ASN A 492 9.89 -22.97 1.75
CA ASN A 492 10.97 -22.95 2.77
C ASN A 492 10.37 -22.78 4.17
N GLU A 493 9.10 -22.35 4.30
CA GLU A 493 8.38 -22.14 5.58
C GLU A 493 7.40 -23.30 5.80
N ILE A 494 6.83 -23.87 4.74
CA ILE A 494 6.09 -25.16 4.82
C ILE A 494 7.12 -26.28 5.10
N GLU A 495 8.43 -26.03 4.87
CA GLU A 495 9.55 -26.99 5.11
C GLU A 495 9.95 -26.95 6.58
N LYS A 496 10.37 -25.77 7.08
CA LYS A 496 10.83 -25.52 8.48
C LYS A 496 9.82 -26.01 9.52
N THR A 497 8.60 -26.38 9.11
CA THR A 497 7.45 -26.66 10.00
C THR A 497 6.95 -28.09 9.81
N LYS A 498 7.38 -28.75 8.73
CA LYS A 498 6.82 -30.06 8.29
C LYS A 498 7.05 -31.10 9.40
N GLY A 499 6.10 -32.03 9.56
CA GLY A 499 6.09 -33.07 10.62
C GLY A 499 6.22 -32.47 12.01
N THR A 500 5.33 -31.53 12.37
CA THR A 500 5.16 -30.99 13.74
C THR A 500 3.65 -30.92 14.03
N GLU A 501 3.27 -30.62 15.27
CA GLU A 501 1.88 -30.23 15.68
C GLU A 501 1.45 -29.00 14.89
N PHE A 502 2.39 -28.09 14.60
CA PHE A 502 2.13 -26.73 14.05
C PHE A 502 2.54 -26.70 12.58
N GLU A 503 2.20 -27.74 11.82
CA GLU A 503 2.53 -27.84 10.39
C GLU A 503 1.68 -26.79 9.64
N LEU A 504 2.31 -26.06 8.73
CA LEU A 504 1.66 -25.06 7.84
C LEU A 504 0.99 -25.80 6.68
N LYS A 505 -0.27 -25.48 6.44
CA LYS A 505 -1.06 -25.99 5.28
C LYS A 505 -0.95 -24.92 4.18
N GLN A 506 -0.69 -25.37 2.96
CA GLN A 506 -0.52 -24.50 1.78
C GLN A 506 -1.92 -23.95 1.41
N ASN A 507 -1.95 -22.72 0.89
CA ASN A 507 -3.20 -22.07 0.44
C ASN A 507 -3.83 -22.90 -0.68
N PRO A 508 -5.18 -22.93 -0.74
CA PRO A 508 -5.90 -23.60 -1.81
C PRO A 508 -5.42 -23.23 -3.23
N GLY A 509 -5.27 -24.25 -4.08
CA GLY A 509 -4.83 -24.12 -5.48
C GLY A 509 -3.32 -23.97 -5.61
N TYR A 510 -2.57 -24.02 -4.51
CA TYR A 510 -1.09 -23.95 -4.59
C TYR A 510 -0.52 -25.25 -4.02
#